data_1GJF
# 
_entry.id   1GJF 
# 
_audit_conform.dict_name       mmcif_pdbx.dic 
_audit_conform.dict_version    5.398 
_audit_conform.dict_location   http://mmcif.pdb.org/dictionaries/ascii/mmcif_pdbx.dic 
# 
loop_
_database_2.database_id 
_database_2.database_code 
_database_2.pdbx_database_accession 
_database_2.pdbx_DOI 
PDB   1GJF         pdb_00001gjf 10.2210/pdb1gjf/pdb 
RCSB  RCSB001581   ?            ?                   
WWPDB D_1000001581 ?            ?                   
# 
loop_
_pdbx_audit_revision_history.ordinal 
_pdbx_audit_revision_history.data_content_type 
_pdbx_audit_revision_history.major_revision 
_pdbx_audit_revision_history.minor_revision 
_pdbx_audit_revision_history.revision_date 
1 'Structure model' 1 0 2001-05-30 
2 'Structure model' 1 1 2008-04-26 
3 'Structure model' 1 2 2011-07-13 
4 'Structure model' 1 3 2023-12-27 
5 'Structure model' 1 4 2024-11-06 
# 
_pdbx_audit_revision_details.ordinal             1 
_pdbx_audit_revision_details.revision_ordinal    1 
_pdbx_audit_revision_details.data_content_type   'Structure model' 
_pdbx_audit_revision_details.provider            repository 
_pdbx_audit_revision_details.type                'Initial release' 
_pdbx_audit_revision_details.description         ? 
_pdbx_audit_revision_details.details             ? 
# 
loop_
_pdbx_audit_revision_group.ordinal 
_pdbx_audit_revision_group.revision_ordinal 
_pdbx_audit_revision_group.data_content_type 
_pdbx_audit_revision_group.group 
1  2 'Structure model' 'Version format compliance' 
2  3 'Structure model' 'Atomic model'              
3  3 'Structure model' 'Database references'       
4  3 'Structure model' 'Derived calculations'      
5  3 'Structure model' 'Non-polymer description'   
6  3 'Structure model' 'Structure summary'         
7  3 'Structure model' 'Version format compliance' 
8  4 'Structure model' 'Data collection'           
9  4 'Structure model' 'Database references'       
10 4 'Structure model' 'Derived calculations'      
11 5 'Structure model' 'Structure summary'         
# 
loop_
_pdbx_audit_revision_category.ordinal 
_pdbx_audit_revision_category.revision_ordinal 
_pdbx_audit_revision_category.data_content_type 
_pdbx_audit_revision_category.category 
1 4 'Structure model' chem_comp_atom            
2 4 'Structure model' chem_comp_bond            
3 4 'Structure model' database_2                
4 4 'Structure model' pdbx_nmr_software         
5 4 'Structure model' pdbx_nmr_spectrometer     
6 4 'Structure model' struct_conn               
7 4 'Structure model' struct_site               
8 5 'Structure model' pdbx_entry_details        
9 5 'Structure model' pdbx_modification_feature 
# 
loop_
_pdbx_audit_revision_item.ordinal 
_pdbx_audit_revision_item.revision_ordinal 
_pdbx_audit_revision_item.data_content_type 
_pdbx_audit_revision_item.item 
1  4 'Structure model' '_database_2.pdbx_DOI'                
2  4 'Structure model' '_database_2.pdbx_database_accession' 
3  4 'Structure model' '_pdbx_nmr_software.name'             
4  4 'Structure model' '_pdbx_nmr_spectrometer.model'        
5  4 'Structure model' '_struct_conn.pdbx_dist_value'        
6  4 'Structure model' '_struct_conn.pdbx_leaving_atom_flag' 
7  4 'Structure model' '_struct_conn.ptnr1_auth_comp_id'     
8  4 'Structure model' '_struct_conn.ptnr1_auth_seq_id'      
9  4 'Structure model' '_struct_conn.ptnr1_label_atom_id'    
10 4 'Structure model' '_struct_conn.ptnr1_label_comp_id'    
11 4 'Structure model' '_struct_conn.ptnr1_label_seq_id'     
12 4 'Structure model' '_struct_conn.ptnr2_auth_comp_id'     
13 4 'Structure model' '_struct_conn.ptnr2_auth_seq_id'      
14 4 'Structure model' '_struct_conn.ptnr2_label_asym_id'    
15 4 'Structure model' '_struct_conn.ptnr2_label_atom_id'    
16 4 'Structure model' '_struct_conn.ptnr2_label_comp_id'    
17 4 'Structure model' '_struct_conn.ptnr2_label_seq_id'     
18 4 'Structure model' '_struct_site.pdbx_auth_asym_id'      
19 4 'Structure model' '_struct_site.pdbx_auth_comp_id'      
20 4 'Structure model' '_struct_site.pdbx_auth_seq_id'       
# 
_pdbx_database_status.status_code                     REL 
_pdbx_database_status.entry_id                        1GJF 
_pdbx_database_status.recvd_initial_deposition_date   2001-05-11 
_pdbx_database_status.deposit_site                    RCSB 
_pdbx_database_status.process_site                    RCSB 
_pdbx_database_status.SG_entry                        . 
_pdbx_database_status.status_code_sf                  ? 
_pdbx_database_status.status_code_mr                  ? 
_pdbx_database_status.status_code_cs                  ? 
_pdbx_database_status.pdb_format_compatible           Y 
_pdbx_database_status.status_code_nmr_data            ? 
_pdbx_database_status.methods_development_category    ? 
# 
loop_
_pdbx_database_related.db_name 
_pdbx_database_related.db_id 
_pdbx_database_related.details 
_pdbx_database_related.content_type 
PDB 1imw 'peptide antagonist of IGFBP1'                                                                    unspecified 
PDB 1IN2 'peptide antagonist of IGFBP1, (i,i+7) covalently restrained analog'                              unspecified 
PDB 1in3 'peptide antagonist of IGFBP1, (i,i+8) covalently restrained analog'                              unspecified 
PDB 1gje 'peptide antagonist of IGFBP-1, minimized average structure'                                      unspecified 
PDB 1gjg 'peptide antagonist of IGFBP1, (i,i+8) covalently restrained analog, minimized average structure' unspecified 
# 
loop_
_audit_author.name 
_audit_author.pdbx_ordinal 
'Skelton, N.J.'   1  
'Chen, Y.M.'      2  
'Dubree, N.'      3  
'Quan, C.'        4  
'Jackson, D.Y.'   5  
'Cochran, A.G.'   6  
'Zobel, K.'       7  
'Deshayes, K.'    8  
'Baca, M.'        9  
'Pisabarro, M.T.' 10 
'Lowman, H.B.'    11 
# 
loop_
_citation.id 
_citation.title 
_citation.journal_abbrev 
_citation.journal_volume 
_citation.page_first 
_citation.page_last 
_citation.year 
_citation.journal_id_ASTM 
_citation.country 
_citation.journal_id_ISSN 
_citation.journal_id_CSD 
_citation.book_publisher 
_citation.pdbx_database_id_PubMed 
_citation.pdbx_database_id_DOI 
primary 
'Structure-function analysis of a phage display-derived peptide that binds to insulin-like growth factor binding protein 1.' 
Biochemistry 40 8487 8498 2001 BICHAW US 0006-2960 0033 ? 11456486 10.1021/bi0103866 
1       'Molecular Mimics of Insulin-like Growth Factor 1 (IGF-1) for Inhibiting IGF-1: IGF-Binding Protein Interactions' 
Biochemistry 37 8870 8878 1998 BICHAW US 0006-2960 0033 ? ?        10.1021/bi980426e 
# 
loop_
_citation_author.citation_id 
_citation_author.name 
_citation_author.ordinal 
_citation_author.identifier_ORCID 
primary 'Skelton, N.J.'   1  ? 
primary 'Chen, Y.M.'      2  ? 
primary 'Dubree, N.'      3  ? 
primary 'Quan, C.'        4  ? 
primary 'Jackson, D.Y.'   5  ? 
primary 'Cochran, A.'     6  ? 
primary 'Zobel, K.'       7  ? 
primary 'Deshayes, K.'    8  ? 
primary 'Baca, M.'        9  ? 
primary 'Pisabarro, M.T.' 10 ? 
primary 'Lowman, H.B.'    11 ? 
1       'Lowman, H.B.'    12 ? 
1       'Chen, Y.M.'      13 ? 
1       'Skelton, N.J.'   14 ? 
1       'Mortensen, D.L.' 15 ? 
1       'Tomlinson, E.E.' 16 ? 
1       'Sadick, M.D.'    17 ? 
1       'Robinson, I.C.'  18 ? 
1       'Clark, R.G.'     19 ? 
# 
loop_
_entity.id 
_entity.type 
_entity.src_method 
_entity.pdbx_description 
_entity.formula_weight 
_entity.pdbx_number_of_molecules 
_entity.pdbx_ec 
_entity.pdbx_mutation 
_entity.pdbx_fragment 
_entity.details 
1 polymer     syn 'IGFBP-1 antagonist' 1642.879 1 ? ? ? '(i,i+7) locked helix variant of bp1-01' 
2 non-polymer syn PENTANE              72.149   1 ? ? ? ?                                        
# 
_entity_poly.entity_id                      1 
_entity_poly.type                           'polypeptide(L)' 
_entity_poly.nstd_linkage                   no 
_entity_poly.nstd_monomer                   yes 
_entity_poly.pdbx_seq_one_letter_code       '(ACE)RAGPLQWLAEKYQG(NH2)' 
_entity_poly.pdbx_seq_one_letter_code_can   XRAGPLQWLAEKYQGX 
_entity_poly.pdbx_strand_id                 A 
_entity_poly.pdbx_target_identifier         ? 
# 
_pdbx_entity_nonpoly.entity_id   2 
_pdbx_entity_nonpoly.name        PENTANE 
_pdbx_entity_nonpoly.comp_id     LNK 
# 
loop_
_entity_poly_seq.entity_id 
_entity_poly_seq.num 
_entity_poly_seq.mon_id 
_entity_poly_seq.hetero 
1 1  ACE n 
1 2  ARG n 
1 3  ALA n 
1 4  GLY n 
1 5  PRO n 
1 6  LEU n 
1 7  GLN n 
1 8  TRP n 
1 9  LEU n 
1 10 ALA n 
1 11 GLU n 
1 12 LYS n 
1 13 TYR n 
1 14 GLN n 
1 15 GLY n 
1 16 NH2 n 
# 
_pdbx_entity_src_syn.entity_id              1 
_pdbx_entity_src_syn.pdbx_src_id            1 
_pdbx_entity_src_syn.pdbx_alt_source_flag   sample 
_pdbx_entity_src_syn.pdbx_beg_seq_num       ? 
_pdbx_entity_src_syn.pdbx_end_seq_num       ? 
_pdbx_entity_src_syn.organism_scientific    ? 
_pdbx_entity_src_syn.organism_common_name   ? 
_pdbx_entity_src_syn.ncbi_taxonomy_id       ? 
_pdbx_entity_src_syn.details                
'The peptide was chemically synthesized. It was designed from sequence selected from a phage display library.' 
# 
loop_
_chem_comp.id 
_chem_comp.type 
_chem_comp.mon_nstd_flag 
_chem_comp.name 
_chem_comp.pdbx_synonyms 
_chem_comp.formula 
_chem_comp.formula_weight 
ACE non-polymer         . 'ACETYL GROUP'  ? 'C2 H4 O'        44.053  
ALA 'L-peptide linking' y ALANINE         ? 'C3 H7 N O2'     89.093  
ARG 'L-peptide linking' y ARGININE        ? 'C6 H15 N4 O2 1' 175.209 
GLN 'L-peptide linking' y GLUTAMINE       ? 'C5 H10 N2 O3'   146.144 
GLU 'L-peptide linking' y 'GLUTAMIC ACID' ? 'C5 H9 N O4'     147.129 
GLY 'peptide linking'   y GLYCINE         ? 'C2 H5 N O2'     75.067  
LEU 'L-peptide linking' y LEUCINE         ? 'C6 H13 N O2'    131.173 
LNK non-polymer         . PENTANE         ? 'C5 H12'         72.149  
LYS 'L-peptide linking' y LYSINE          ? 'C6 H15 N2 O2 1' 147.195 
NH2 non-polymer         . 'AMINO GROUP'   ? 'H2 N'           16.023  
PRO 'L-peptide linking' y PROLINE         ? 'C5 H9 N O2'     115.130 
TRP 'L-peptide linking' y TRYPTOPHAN      ? 'C11 H12 N2 O2'  204.225 
TYR 'L-peptide linking' y TYROSINE        ? 'C9 H11 N O3'    181.189 
# 
loop_
_pdbx_poly_seq_scheme.asym_id 
_pdbx_poly_seq_scheme.entity_id 
_pdbx_poly_seq_scheme.seq_id 
_pdbx_poly_seq_scheme.mon_id 
_pdbx_poly_seq_scheme.ndb_seq_num 
_pdbx_poly_seq_scheme.pdb_seq_num 
_pdbx_poly_seq_scheme.auth_seq_num 
_pdbx_poly_seq_scheme.pdb_mon_id 
_pdbx_poly_seq_scheme.auth_mon_id 
_pdbx_poly_seq_scheme.pdb_strand_id 
_pdbx_poly_seq_scheme.pdb_ins_code 
_pdbx_poly_seq_scheme.hetero 
A 1 1  ACE 1  1  1  ACE ACE A . n 
A 1 2  ARG 2  2  2  ARG ARG A . n 
A 1 3  ALA 3  3  3  ALA ALA A . n 
A 1 4  GLY 4  4  4  GLY GLY A . n 
A 1 5  PRO 5  5  5  PRO PRO A . n 
A 1 6  LEU 6  6  6  LEU LEU A . n 
A 1 7  GLN 7  7  7  GLN GLN A . n 
A 1 8  TRP 8  8  8  TRP TRP A . n 
A 1 9  LEU 9  9  9  LEU LEU A . n 
A 1 10 ALA 10 10 10 ALA ALA A . n 
A 1 11 GLU 11 11 11 GLU GLU A . n 
A 1 12 LYS 12 12 12 LYS LYS A . n 
A 1 13 TYR 13 13 13 TYR TYR A . n 
A 1 14 GLN 14 14 14 GLN GLN A . n 
A 1 15 GLY 15 15 15 GLY GLY A . n 
A 1 16 NH2 16 16 16 NH2 NH2 A . n 
# 
_pdbx_nonpoly_scheme.asym_id         B 
_pdbx_nonpoly_scheme.entity_id       2 
_pdbx_nonpoly_scheme.mon_id          LNK 
_pdbx_nonpoly_scheme.ndb_seq_num     1 
_pdbx_nonpoly_scheme.pdb_seq_num     17 
_pdbx_nonpoly_scheme.auth_seq_num    17 
_pdbx_nonpoly_scheme.pdb_mon_id      LNK 
_pdbx_nonpoly_scheme.auth_mon_id     LNK 
_pdbx_nonpoly_scheme.pdb_strand_id   A 
_pdbx_nonpoly_scheme.pdb_ins_code    . 
# 
_cell.entry_id           1GJF 
_cell.length_a           1.000 
_cell.length_b           1.000 
_cell.length_c           1.000 
_cell.angle_alpha        90.00 
_cell.angle_beta         90.00 
_cell.angle_gamma        90.00 
_cell.Z_PDB              1 
_cell.pdbx_unique_axis   ? 
# 
_symmetry.entry_id                         1GJF 
_symmetry.space_group_name_H-M             'P 1' 
_symmetry.pdbx_full_space_group_name_H-M   ? 
_symmetry.cell_setting                     ? 
_symmetry.Int_Tables_number                1 
# 
_exptl.entry_id          1GJF 
_exptl.method            'SOLUTION NMR' 
_exptl.crystals_number   ? 
# 
_struct.entry_id                  1GJF 
_struct.title                     'Peptide Antagonist of IGFBP1, (i,i+7) Covalently Restrained Analog, Minimized Average Structure' 
_struct.pdbx_model_details        ? 
_struct.pdbx_CASP_flag            ? 
_struct.pdbx_model_type_details   ? 
# 
_struct_keywords.entry_id        1GJF 
_struct_keywords.pdbx_keywords   ANTAGONIST 
_struct_keywords.text            'covalently constrained helix, ANTAGONIST' 
# 
loop_
_struct_asym.id 
_struct_asym.pdbx_blank_PDB_chainid_flag 
_struct_asym.pdbx_modified 
_struct_asym.entity_id 
_struct_asym.details 
A N N 1 ? 
B N N 2 ? 
# 
_struct_ref.id                         1 
_struct_ref.db_name                    PDB 
_struct_ref.db_code                    1GJF 
_struct_ref.pdbx_db_accession          1GJF 
_struct_ref.entity_id                  1 
_struct_ref.pdbx_align_begin           ? 
_struct_ref.pdbx_seq_one_letter_code   ? 
_struct_ref.pdbx_db_isoform            ? 
# 
_struct_ref_seq.align_id                      1 
_struct_ref_seq.ref_id                        1 
_struct_ref_seq.pdbx_PDB_id_code              1GJF 
_struct_ref_seq.pdbx_strand_id                A 
_struct_ref_seq.seq_align_beg                 1 
_struct_ref_seq.pdbx_seq_align_beg_ins_code   ? 
_struct_ref_seq.seq_align_end                 16 
_struct_ref_seq.pdbx_seq_align_end_ins_code   ? 
_struct_ref_seq.pdbx_db_accession             1GJF 
_struct_ref_seq.db_align_beg                  1 
_struct_ref_seq.pdbx_db_align_beg_ins_code    ? 
_struct_ref_seq.db_align_end                  16 
_struct_ref_seq.pdbx_db_align_end_ins_code    ? 
_struct_ref_seq.pdbx_auth_seq_align_beg       1 
_struct_ref_seq.pdbx_auth_seq_align_end       16 
# 
_pdbx_struct_assembly.id                   1 
_pdbx_struct_assembly.details              author_defined_assembly 
_pdbx_struct_assembly.method_details       ? 
_pdbx_struct_assembly.oligomeric_details   monomeric 
_pdbx_struct_assembly.oligomeric_count     1 
# 
_pdbx_struct_assembly_gen.assembly_id       1 
_pdbx_struct_assembly_gen.oper_expression   1 
_pdbx_struct_assembly_gen.asym_id_list      A,B 
# 
_pdbx_struct_oper_list.id                   1 
_pdbx_struct_oper_list.type                 'identity operation' 
_pdbx_struct_oper_list.name                 1_555 
_pdbx_struct_oper_list.symmetry_operation   x,y,z 
_pdbx_struct_oper_list.matrix[1][1]         1.0000000000 
_pdbx_struct_oper_list.matrix[1][2]         0.0000000000 
_pdbx_struct_oper_list.matrix[1][3]         0.0000000000 
_pdbx_struct_oper_list.vector[1]            0.0000000000 
_pdbx_struct_oper_list.matrix[2][1]         0.0000000000 
_pdbx_struct_oper_list.matrix[2][2]         1.0000000000 
_pdbx_struct_oper_list.matrix[2][3]         0.0000000000 
_pdbx_struct_oper_list.vector[2]            0.0000000000 
_pdbx_struct_oper_list.matrix[3][1]         0.0000000000 
_pdbx_struct_oper_list.matrix[3][2]         0.0000000000 
_pdbx_struct_oper_list.matrix[3][3]         1.0000000000 
_pdbx_struct_oper_list.vector[3]            0.0000000000 
# 
_struct_biol.id        1 
_struct_biol.details   ? 
# 
_struct_conf.conf_type_id            HELX_P 
_struct_conf.id                      HELX_P1 
_struct_conf.pdbx_PDB_helix_id       1 
_struct_conf.beg_label_comp_id       LEU 
_struct_conf.beg_label_asym_id       A 
_struct_conf.beg_label_seq_id        6 
_struct_conf.pdbx_beg_PDB_ins_code   ? 
_struct_conf.end_label_comp_id       GLY 
_struct_conf.end_label_asym_id       A 
_struct_conf.end_label_seq_id        15 
_struct_conf.pdbx_end_PDB_ins_code   ? 
_struct_conf.beg_auth_comp_id        LEU 
_struct_conf.beg_auth_asym_id        A 
_struct_conf.beg_auth_seq_id         6 
_struct_conf.end_auth_comp_id        GLY 
_struct_conf.end_auth_asym_id        A 
_struct_conf.end_auth_seq_id         15 
_struct_conf.pdbx_PDB_helix_class    1 
_struct_conf.details                 ? 
_struct_conf.pdbx_PDB_helix_length   10 
# 
_struct_conf_type.id          HELX_P 
_struct_conf_type.criteria    ? 
_struct_conf_type.reference   ? 
# 
loop_
_struct_conn.id 
_struct_conn.conn_type_id 
_struct_conn.pdbx_leaving_atom_flag 
_struct_conn.pdbx_PDB_id 
_struct_conn.ptnr1_label_asym_id 
_struct_conn.ptnr1_label_comp_id 
_struct_conn.ptnr1_label_seq_id 
_struct_conn.ptnr1_label_atom_id 
_struct_conn.pdbx_ptnr1_label_alt_id 
_struct_conn.pdbx_ptnr1_PDB_ins_code 
_struct_conn.pdbx_ptnr1_standard_comp_id 
_struct_conn.ptnr1_symmetry 
_struct_conn.ptnr2_label_asym_id 
_struct_conn.ptnr2_label_comp_id 
_struct_conn.ptnr2_label_seq_id 
_struct_conn.ptnr2_label_atom_id 
_struct_conn.pdbx_ptnr2_label_alt_id 
_struct_conn.pdbx_ptnr2_PDB_ins_code 
_struct_conn.ptnr1_auth_asym_id 
_struct_conn.ptnr1_auth_comp_id 
_struct_conn.ptnr1_auth_seq_id 
_struct_conn.ptnr2_auth_asym_id 
_struct_conn.ptnr2_auth_comp_id 
_struct_conn.ptnr2_auth_seq_id 
_struct_conn.ptnr2_symmetry 
_struct_conn.pdbx_ptnr3_label_atom_id 
_struct_conn.pdbx_ptnr3_label_seq_id 
_struct_conn.pdbx_ptnr3_label_comp_id 
_struct_conn.pdbx_ptnr3_label_asym_id 
_struct_conn.pdbx_ptnr3_label_alt_id 
_struct_conn.pdbx_ptnr3_PDB_ins_code 
_struct_conn.details 
_struct_conn.pdbx_dist_value 
_struct_conn.pdbx_value_order 
_struct_conn.pdbx_role 
covale1 covale both ? A ACE 1  C   ? ? ? 1_555 A ARG 2  N  ? ? A ACE 1  A ARG 2  1_555 ? ? ? ? ? ? ? 1.338 ? ? 
covale2 covale none ? A GLN 7  NE2 ? ? ? 1_555 B LNK .  C1 ? ? A GLN 7  A LNK 17 1_555 ? ? ? ? ? ? ? 1.454 ? ? 
covale3 covale none ? A GLN 14 NE2 ? ? ? 1_555 B LNK .  C5 ? ? A GLN 14 A LNK 17 1_555 ? ? ? ? ? ? ? 1.455 ? ? 
covale4 covale both ? A GLY 15 C   ? ? ? 1_555 A NH2 16 N  ? ? A GLY 15 A NH2 16 1_555 ? ? ? ? ? ? ? 1.333 ? ? 
# 
_struct_conn_type.id          covale 
_struct_conn_type.criteria    ? 
_struct_conn_type.reference   ? 
# 
loop_
_pdbx_modification_feature.ordinal 
_pdbx_modification_feature.label_comp_id 
_pdbx_modification_feature.label_asym_id 
_pdbx_modification_feature.label_seq_id 
_pdbx_modification_feature.label_alt_id 
_pdbx_modification_feature.modified_residue_label_comp_id 
_pdbx_modification_feature.modified_residue_label_asym_id 
_pdbx_modification_feature.modified_residue_label_seq_id 
_pdbx_modification_feature.modified_residue_label_alt_id 
_pdbx_modification_feature.auth_comp_id 
_pdbx_modification_feature.auth_asym_id 
_pdbx_modification_feature.auth_seq_id 
_pdbx_modification_feature.PDB_ins_code 
_pdbx_modification_feature.symmetry 
_pdbx_modification_feature.modified_residue_auth_comp_id 
_pdbx_modification_feature.modified_residue_auth_asym_id 
_pdbx_modification_feature.modified_residue_auth_seq_id 
_pdbx_modification_feature.modified_residue_PDB_ins_code 
_pdbx_modification_feature.modified_residue_symmetry 
_pdbx_modification_feature.comp_id_linking_atom 
_pdbx_modification_feature.modified_residue_id_linking_atom 
_pdbx_modification_feature.modified_residue_id 
_pdbx_modification_feature.ref_pcm_id 
_pdbx_modification_feature.ref_comp_id 
_pdbx_modification_feature.type 
_pdbx_modification_feature.category 
1 ACE A 1  ? ARG A 2  ? ACE A 1  ? 1_555 ARG A 2  ? 1_555 .  .   ARG 8  ACE None 'Terminal acetylation' 
2 NH2 A 16 ? GLY A 15 ? NH2 A 16 ? 1_555 GLY A 15 ? 1_555 .  .   GLY 12 NH2 None 'Terminal amidation'   
3 LNK B .  ? GLN A 7  ? LNK A 17 ? 1_555 GLN A 7  ? 1_555 C1 NE2 GLN 1  LNK None Crosslinker            
4 LNK B .  ? GLN A 14 ? LNK A 17 ? 1_555 GLN A 14 ? 1_555 C5 NE2 GLN 2  LNK None Crosslinker            
# 
_struct_site.id                   AC1 
_struct_site.pdbx_evidence_code   Software 
_struct_site.pdbx_auth_asym_id    A 
_struct_site.pdbx_auth_comp_id    LNK 
_struct_site.pdbx_auth_seq_id     17 
_struct_site.pdbx_auth_ins_code   ? 
_struct_site.pdbx_num_residues    3 
_struct_site.details              'BINDING SITE FOR RESIDUE LNK A 17' 
# 
loop_
_struct_site_gen.id 
_struct_site_gen.site_id 
_struct_site_gen.pdbx_num_res 
_struct_site_gen.label_comp_id 
_struct_site_gen.label_asym_id 
_struct_site_gen.label_seq_id 
_struct_site_gen.pdbx_auth_ins_code 
_struct_site_gen.auth_comp_id 
_struct_site_gen.auth_asym_id 
_struct_site_gen.auth_seq_id 
_struct_site_gen.label_atom_id 
_struct_site_gen.label_alt_id 
_struct_site_gen.symmetry 
_struct_site_gen.details 
1 AC1 3 GLN A 7  ? GLN A 7  . ? 1_555 ? 
2 AC1 3 ALA A 10 ? ALA A 10 . ? 1_555 ? 
3 AC1 3 GLN A 14 ? GLN A 14 . ? 1_555 ? 
# 
_pdbx_entry_details.entry_id                   1GJF 
_pdbx_entry_details.compound_details           ? 
_pdbx_entry_details.source_details             ? 
_pdbx_entry_details.nonpolymer_details         ? 
_pdbx_entry_details.sequence_details           ? 
_pdbx_entry_details.has_ligand_of_interest     ? 
_pdbx_entry_details.has_protein_modification   Y 
# 
_pdbx_validate_torsion.id              1 
_pdbx_validate_torsion.PDB_model_num   1 
_pdbx_validate_torsion.auth_comp_id    LEU 
_pdbx_validate_torsion.auth_asym_id    A 
_pdbx_validate_torsion.auth_seq_id     6 
_pdbx_validate_torsion.PDB_ins_code    ? 
_pdbx_validate_torsion.label_alt_id    ? 
_pdbx_validate_torsion.phi             -124.13 
_pdbx_validate_torsion.psi             -51.62 
# 
_pdbx_nmr_ensemble.entry_id                                      1GJF 
_pdbx_nmr_ensemble.conformers_calculated_total_number            ? 
_pdbx_nmr_ensemble.conformers_submitted_total_number             1 
_pdbx_nmr_ensemble.conformer_selection_criteria                  ? 
_pdbx_nmr_ensemble.average_constraints_per_residue               ? 
_pdbx_nmr_ensemble.average_constraint_violations_per_residue     ? 
_pdbx_nmr_ensemble.maximum_distance_constraint_violation         ? 
_pdbx_nmr_ensemble.average_distance_constraint_violation         ? 
_pdbx_nmr_ensemble.maximum_upper_distance_constraint_violation   ? 
_pdbx_nmr_ensemble.maximum_lower_distance_constraint_violation   ? 
_pdbx_nmr_ensemble.distance_constraint_violation_method          ? 
_pdbx_nmr_ensemble.maximum_torsion_angle_constraint_violation    ? 
_pdbx_nmr_ensemble.average_torsion_angle_constraint_violation    ? 
_pdbx_nmr_ensemble.torsion_angle_constraint_violation_method     ? 
# 
loop_
_pdbx_nmr_sample_details.solution_id 
_pdbx_nmr_sample_details.contents 
_pdbx_nmr_sample_details.solvent_system 
1 '5 mM peptide' '90% H2O/10% D2O' 
2 '5 mM peptide' '100% D2O'        
# 
loop_
_pdbx_nmr_exptl_sample_conditions.conditions_id 
_pdbx_nmr_exptl_sample_conditions.temperature 
_pdbx_nmr_exptl_sample_conditions.pressure 
_pdbx_nmr_exptl_sample_conditions.pH 
_pdbx_nmr_exptl_sample_conditions.ionic_strength 
_pdbx_nmr_exptl_sample_conditions.pressure_units 
_pdbx_nmr_exptl_sample_conditions.temperature_units 
1 303 1 5.0 0 atm K 
2 303 1 5.0 0 atm K 
# 
loop_
_pdbx_nmr_exptl.experiment_id 
_pdbx_nmr_exptl.solution_id 
_pdbx_nmr_exptl.conditions_id 
_pdbx_nmr_exptl.type 
1 1 1 2D-ROESY 
2 1 1 DQF-COSY 
3 2 2 2D-ROESY 
4 2 2 COSY-35  
# 
_pdbx_nmr_details.entry_id   1GJF 
_pdbx_nmr_details.text       'This structure was determined using standard 2D homonuclear techniques.' 
# 
_pdbx_nmr_refine.entry_id           1GJF 
_pdbx_nmr_refine.method             'restrained molecular dynamics' 
_pdbx_nmr_refine.details            
;The structure was detemined on the basis of 138 NOE distance restraints and 11 dihedral angle restraints. The resulting ensemble had no restraint violations greater than 0.07 Angstroms or 1.4 deg. The mean restraint violation energy was 0.04 +/- 0.03 kcal/mol.
;
_pdbx_nmr_refine.software_ordinal   1 
# 
loop_
_pdbx_nmr_software.name 
_pdbx_nmr_software.version 
_pdbx_nmr_software.classification 
_pdbx_nmr_software.authors 
_pdbx_nmr_software.ordinal 
Felix    970 'data analysis' msi   1 
DGII     970 refinement      havel 2 
Discover 970 refinement      msi   3 
# 
loop_
_chem_comp_atom.comp_id 
_chem_comp_atom.atom_id 
_chem_comp_atom.type_symbol 
_chem_comp_atom.pdbx_aromatic_flag 
_chem_comp_atom.pdbx_stereo_config 
_chem_comp_atom.pdbx_ordinal 
ACE C    C N N 1   
ACE O    O N N 2   
ACE CH3  C N N 3   
ACE H    H N N 4   
ACE H1   H N N 5   
ACE H2   H N N 6   
ACE H3   H N N 7   
ALA N    N N N 8   
ALA CA   C N S 9   
ALA C    C N N 10  
ALA O    O N N 11  
ALA CB   C N N 12  
ALA OXT  O N N 13  
ALA H    H N N 14  
ALA H2   H N N 15  
ALA HA   H N N 16  
ALA HB1  H N N 17  
ALA HB2  H N N 18  
ALA HB3  H N N 19  
ALA HXT  H N N 20  
ARG N    N N N 21  
ARG CA   C N S 22  
ARG C    C N N 23  
ARG O    O N N 24  
ARG CB   C N N 25  
ARG CG   C N N 26  
ARG CD   C N N 27  
ARG NE   N N N 28  
ARG CZ   C N N 29  
ARG NH1  N N N 30  
ARG NH2  N N N 31  
ARG OXT  O N N 32  
ARG H    H N N 33  
ARG H2   H N N 34  
ARG HA   H N N 35  
ARG HB2  H N N 36  
ARG HB3  H N N 37  
ARG HG2  H N N 38  
ARG HG3  H N N 39  
ARG HD2  H N N 40  
ARG HD3  H N N 41  
ARG HE   H N N 42  
ARG HH11 H N N 43  
ARG HH12 H N N 44  
ARG HH21 H N N 45  
ARG HH22 H N N 46  
ARG HXT  H N N 47  
GLN N    N N N 48  
GLN CA   C N S 49  
GLN C    C N N 50  
GLN O    O N N 51  
GLN CB   C N N 52  
GLN CG   C N N 53  
GLN CD   C N N 54  
GLN OE1  O N N 55  
GLN NE2  N N N 56  
GLN OXT  O N N 57  
GLN H    H N N 58  
GLN H2   H N N 59  
GLN HA   H N N 60  
GLN HB2  H N N 61  
GLN HB3  H N N 62  
GLN HG2  H N N 63  
GLN HG3  H N N 64  
GLN HE21 H N N 65  
GLN HE22 H N N 66  
GLN HXT  H N N 67  
GLU N    N N N 68  
GLU CA   C N S 69  
GLU C    C N N 70  
GLU O    O N N 71  
GLU CB   C N N 72  
GLU CG   C N N 73  
GLU CD   C N N 74  
GLU OE1  O N N 75  
GLU OE2  O N N 76  
GLU OXT  O N N 77  
GLU H    H N N 78  
GLU H2   H N N 79  
GLU HA   H N N 80  
GLU HB2  H N N 81  
GLU HB3  H N N 82  
GLU HG2  H N N 83  
GLU HG3  H N N 84  
GLU HE2  H N N 85  
GLU HXT  H N N 86  
GLY N    N N N 87  
GLY CA   C N N 88  
GLY C    C N N 89  
GLY O    O N N 90  
GLY OXT  O N N 91  
GLY H    H N N 92  
GLY H2   H N N 93  
GLY HA2  H N N 94  
GLY HA3  H N N 95  
GLY HXT  H N N 96  
LEU N    N N N 97  
LEU CA   C N S 98  
LEU C    C N N 99  
LEU O    O N N 100 
LEU CB   C N N 101 
LEU CG   C N N 102 
LEU CD1  C N N 103 
LEU CD2  C N N 104 
LEU OXT  O N N 105 
LEU H    H N N 106 
LEU H2   H N N 107 
LEU HA   H N N 108 
LEU HB2  H N N 109 
LEU HB3  H N N 110 
LEU HG   H N N 111 
LEU HD11 H N N 112 
LEU HD12 H N N 113 
LEU HD13 H N N 114 
LEU HD21 H N N 115 
LEU HD22 H N N 116 
LEU HD23 H N N 117 
LEU HXT  H N N 118 
LNK C1   C N N 119 
LNK C2   C N N 120 
LNK C3   C N N 121 
LNK C4   C N N 122 
LNK C5   C N N 123 
LNK H11  H N N 124 
LNK H12  H N N 125 
LNK H13  H N N 126 
LNK H21  H N N 127 
LNK H22  H N N 128 
LNK H31  H N N 129 
LNK H32  H N N 130 
LNK H41  H N N 131 
LNK H42  H N N 132 
LNK H51  H N N 133 
LNK H52  H N N 134 
LNK H23  H N N 135 
LYS N    N N N 136 
LYS CA   C N S 137 
LYS C    C N N 138 
LYS O    O N N 139 
LYS CB   C N N 140 
LYS CG   C N N 141 
LYS CD   C N N 142 
LYS CE   C N N 143 
LYS NZ   N N N 144 
LYS OXT  O N N 145 
LYS H    H N N 146 
LYS H2   H N N 147 
LYS HA   H N N 148 
LYS HB2  H N N 149 
LYS HB3  H N N 150 
LYS HG2  H N N 151 
LYS HG3  H N N 152 
LYS HD2  H N N 153 
LYS HD3  H N N 154 
LYS HE2  H N N 155 
LYS HE3  H N N 156 
LYS HZ1  H N N 157 
LYS HZ2  H N N 158 
LYS HZ3  H N N 159 
LYS HXT  H N N 160 
NH2 N    N N N 161 
NH2 HN1  H N N 162 
NH2 HN2  H N N 163 
PRO N    N N N 164 
PRO CA   C N S 165 
PRO C    C N N 166 
PRO O    O N N 167 
PRO CB   C N N 168 
PRO CG   C N N 169 
PRO CD   C N N 170 
PRO OXT  O N N 171 
PRO H    H N N 172 
PRO HA   H N N 173 
PRO HB2  H N N 174 
PRO HB3  H N N 175 
PRO HG2  H N N 176 
PRO HG3  H N N 177 
PRO HD2  H N N 178 
PRO HD3  H N N 179 
PRO HXT  H N N 180 
TRP N    N N N 181 
TRP CA   C N S 182 
TRP C    C N N 183 
TRP O    O N N 184 
TRP CB   C N N 185 
TRP CG   C Y N 186 
TRP CD1  C Y N 187 
TRP CD2  C Y N 188 
TRP NE1  N Y N 189 
TRP CE2  C Y N 190 
TRP CE3  C Y N 191 
TRP CZ2  C Y N 192 
TRP CZ3  C Y N 193 
TRP CH2  C Y N 194 
TRP OXT  O N N 195 
TRP H    H N N 196 
TRP H2   H N N 197 
TRP HA   H N N 198 
TRP HB2  H N N 199 
TRP HB3  H N N 200 
TRP HD1  H N N 201 
TRP HE1  H N N 202 
TRP HE3  H N N 203 
TRP HZ2  H N N 204 
TRP HZ3  H N N 205 
TRP HH2  H N N 206 
TRP HXT  H N N 207 
TYR N    N N N 208 
TYR CA   C N S 209 
TYR C    C N N 210 
TYR O    O N N 211 
TYR CB   C N N 212 
TYR CG   C Y N 213 
TYR CD1  C Y N 214 
TYR CD2  C Y N 215 
TYR CE1  C Y N 216 
TYR CE2  C Y N 217 
TYR CZ   C Y N 218 
TYR OH   O N N 219 
TYR OXT  O N N 220 
TYR H    H N N 221 
TYR H2   H N N 222 
TYR HA   H N N 223 
TYR HB2  H N N 224 
TYR HB3  H N N 225 
TYR HD1  H N N 226 
TYR HD2  H N N 227 
TYR HE1  H N N 228 
TYR HE2  H N N 229 
TYR HH   H N N 230 
TYR HXT  H N N 231 
# 
loop_
_chem_comp_bond.comp_id 
_chem_comp_bond.atom_id_1 
_chem_comp_bond.atom_id_2 
_chem_comp_bond.value_order 
_chem_comp_bond.pdbx_aromatic_flag 
_chem_comp_bond.pdbx_stereo_config 
_chem_comp_bond.pdbx_ordinal 
ACE C   O    doub N N 1   
ACE C   CH3  sing N N 2   
ACE C   H    sing N N 3   
ACE CH3 H1   sing N N 4   
ACE CH3 H2   sing N N 5   
ACE CH3 H3   sing N N 6   
ALA N   CA   sing N N 7   
ALA N   H    sing N N 8   
ALA N   H2   sing N N 9   
ALA CA  C    sing N N 10  
ALA CA  CB   sing N N 11  
ALA CA  HA   sing N N 12  
ALA C   O    doub N N 13  
ALA C   OXT  sing N N 14  
ALA CB  HB1  sing N N 15  
ALA CB  HB2  sing N N 16  
ALA CB  HB3  sing N N 17  
ALA OXT HXT  sing N N 18  
ARG N   CA   sing N N 19  
ARG N   H    sing N N 20  
ARG N   H2   sing N N 21  
ARG CA  C    sing N N 22  
ARG CA  CB   sing N N 23  
ARG CA  HA   sing N N 24  
ARG C   O    doub N N 25  
ARG C   OXT  sing N N 26  
ARG CB  CG   sing N N 27  
ARG CB  HB2  sing N N 28  
ARG CB  HB3  sing N N 29  
ARG CG  CD   sing N N 30  
ARG CG  HG2  sing N N 31  
ARG CG  HG3  sing N N 32  
ARG CD  NE   sing N N 33  
ARG CD  HD2  sing N N 34  
ARG CD  HD3  sing N N 35  
ARG NE  CZ   sing N N 36  
ARG NE  HE   sing N N 37  
ARG CZ  NH1  sing N N 38  
ARG CZ  NH2  doub N N 39  
ARG NH1 HH11 sing N N 40  
ARG NH1 HH12 sing N N 41  
ARG NH2 HH21 sing N N 42  
ARG NH2 HH22 sing N N 43  
ARG OXT HXT  sing N N 44  
GLN N   CA   sing N N 45  
GLN N   H    sing N N 46  
GLN N   H2   sing N N 47  
GLN CA  C    sing N N 48  
GLN CA  CB   sing N N 49  
GLN CA  HA   sing N N 50  
GLN C   O    doub N N 51  
GLN C   OXT  sing N N 52  
GLN CB  CG   sing N N 53  
GLN CB  HB2  sing N N 54  
GLN CB  HB3  sing N N 55  
GLN CG  CD   sing N N 56  
GLN CG  HG2  sing N N 57  
GLN CG  HG3  sing N N 58  
GLN CD  OE1  doub N N 59  
GLN CD  NE2  sing N N 60  
GLN NE2 HE21 sing N N 61  
GLN NE2 HE22 sing N N 62  
GLN OXT HXT  sing N N 63  
GLU N   CA   sing N N 64  
GLU N   H    sing N N 65  
GLU N   H2   sing N N 66  
GLU CA  C    sing N N 67  
GLU CA  CB   sing N N 68  
GLU CA  HA   sing N N 69  
GLU C   O    doub N N 70  
GLU C   OXT  sing N N 71  
GLU CB  CG   sing N N 72  
GLU CB  HB2  sing N N 73  
GLU CB  HB3  sing N N 74  
GLU CG  CD   sing N N 75  
GLU CG  HG2  sing N N 76  
GLU CG  HG3  sing N N 77  
GLU CD  OE1  doub N N 78  
GLU CD  OE2  sing N N 79  
GLU OE2 HE2  sing N N 80  
GLU OXT HXT  sing N N 81  
GLY N   CA   sing N N 82  
GLY N   H    sing N N 83  
GLY N   H2   sing N N 84  
GLY CA  C    sing N N 85  
GLY CA  HA2  sing N N 86  
GLY CA  HA3  sing N N 87  
GLY C   O    doub N N 88  
GLY C   OXT  sing N N 89  
GLY OXT HXT  sing N N 90  
LEU N   CA   sing N N 91  
LEU N   H    sing N N 92  
LEU N   H2   sing N N 93  
LEU CA  C    sing N N 94  
LEU CA  CB   sing N N 95  
LEU CA  HA   sing N N 96  
LEU C   O    doub N N 97  
LEU C   OXT  sing N N 98  
LEU CB  CG   sing N N 99  
LEU CB  HB2  sing N N 100 
LEU CB  HB3  sing N N 101 
LEU CG  CD1  sing N N 102 
LEU CG  CD2  sing N N 103 
LEU CG  HG   sing N N 104 
LEU CD1 HD11 sing N N 105 
LEU CD1 HD12 sing N N 106 
LEU CD1 HD13 sing N N 107 
LEU CD2 HD21 sing N N 108 
LEU CD2 HD22 sing N N 109 
LEU CD2 HD23 sing N N 110 
LEU OXT HXT  sing N N 111 
LNK C1  C2   sing N N 112 
LNK C1  H11  sing N N 113 
LNK C1  H12  sing N N 114 
LNK C1  H13  sing N N 115 
LNK C2  C3   sing N N 116 
LNK C2  H21  sing N N 117 
LNK C2  H22  sing N N 118 
LNK C3  C4   sing N N 119 
LNK C3  H31  sing N N 120 
LNK C3  H32  sing N N 121 
LNK C4  C5   sing N N 122 
LNK C4  H41  sing N N 123 
LNK C4  H42  sing N N 124 
LNK C5  H51  sing N N 125 
LNK C5  H52  sing N N 126 
LNK C5  H23  sing N N 127 
LYS N   CA   sing N N 128 
LYS N   H    sing N N 129 
LYS N   H2   sing N N 130 
LYS CA  C    sing N N 131 
LYS CA  CB   sing N N 132 
LYS CA  HA   sing N N 133 
LYS C   O    doub N N 134 
LYS C   OXT  sing N N 135 
LYS CB  CG   sing N N 136 
LYS CB  HB2  sing N N 137 
LYS CB  HB3  sing N N 138 
LYS CG  CD   sing N N 139 
LYS CG  HG2  sing N N 140 
LYS CG  HG3  sing N N 141 
LYS CD  CE   sing N N 142 
LYS CD  HD2  sing N N 143 
LYS CD  HD3  sing N N 144 
LYS CE  NZ   sing N N 145 
LYS CE  HE2  sing N N 146 
LYS CE  HE3  sing N N 147 
LYS NZ  HZ1  sing N N 148 
LYS NZ  HZ2  sing N N 149 
LYS NZ  HZ3  sing N N 150 
LYS OXT HXT  sing N N 151 
NH2 N   HN1  sing N N 152 
NH2 N   HN2  sing N N 153 
PRO N   CA   sing N N 154 
PRO N   CD   sing N N 155 
PRO N   H    sing N N 156 
PRO CA  C    sing N N 157 
PRO CA  CB   sing N N 158 
PRO CA  HA   sing N N 159 
PRO C   O    doub N N 160 
PRO C   OXT  sing N N 161 
PRO CB  CG   sing N N 162 
PRO CB  HB2  sing N N 163 
PRO CB  HB3  sing N N 164 
PRO CG  CD   sing N N 165 
PRO CG  HG2  sing N N 166 
PRO CG  HG3  sing N N 167 
PRO CD  HD2  sing N N 168 
PRO CD  HD3  sing N N 169 
PRO OXT HXT  sing N N 170 
TRP N   CA   sing N N 171 
TRP N   H    sing N N 172 
TRP N   H2   sing N N 173 
TRP CA  C    sing N N 174 
TRP CA  CB   sing N N 175 
TRP CA  HA   sing N N 176 
TRP C   O    doub N N 177 
TRP C   OXT  sing N N 178 
TRP CB  CG   sing N N 179 
TRP CB  HB2  sing N N 180 
TRP CB  HB3  sing N N 181 
TRP CG  CD1  doub Y N 182 
TRP CG  CD2  sing Y N 183 
TRP CD1 NE1  sing Y N 184 
TRP CD1 HD1  sing N N 185 
TRP CD2 CE2  doub Y N 186 
TRP CD2 CE3  sing Y N 187 
TRP NE1 CE2  sing Y N 188 
TRP NE1 HE1  sing N N 189 
TRP CE2 CZ2  sing Y N 190 
TRP CE3 CZ3  doub Y N 191 
TRP CE3 HE3  sing N N 192 
TRP CZ2 CH2  doub Y N 193 
TRP CZ2 HZ2  sing N N 194 
TRP CZ3 CH2  sing Y N 195 
TRP CZ3 HZ3  sing N N 196 
TRP CH2 HH2  sing N N 197 
TRP OXT HXT  sing N N 198 
TYR N   CA   sing N N 199 
TYR N   H    sing N N 200 
TYR N   H2   sing N N 201 
TYR CA  C    sing N N 202 
TYR CA  CB   sing N N 203 
TYR CA  HA   sing N N 204 
TYR C   O    doub N N 205 
TYR C   OXT  sing N N 206 
TYR CB  CG   sing N N 207 
TYR CB  HB2  sing N N 208 
TYR CB  HB3  sing N N 209 
TYR CG  CD1  doub Y N 210 
TYR CG  CD2  sing Y N 211 
TYR CD1 CE1  sing Y N 212 
TYR CD1 HD1  sing N N 213 
TYR CD2 CE2  doub Y N 214 
TYR CD2 HD2  sing N N 215 
TYR CE1 CZ   doub Y N 216 
TYR CE1 HE1  sing N N 217 
TYR CE2 CZ   sing Y N 218 
TYR CE2 HE2  sing N N 219 
TYR CZ  OH   sing N N 220 
TYR OH  HH   sing N N 221 
TYR OXT HXT  sing N N 222 
# 
_pdbx_nmr_spectrometer.spectrometer_id   1 
_pdbx_nmr_spectrometer.type              ? 
_pdbx_nmr_spectrometer.manufacturer      Bruker 
_pdbx_nmr_spectrometer.model             AVANCE 
_pdbx_nmr_spectrometer.field_strength    500 
# 
_atom_sites.entry_id                    1GJF 
_atom_sites.fract_transf_matrix[1][1]   1.000000 
_atom_sites.fract_transf_matrix[1][2]   0.000000 
_atom_sites.fract_transf_matrix[1][3]   0.000000 
_atom_sites.fract_transf_matrix[2][1]   0.000000 
_atom_sites.fract_transf_matrix[2][2]   1.000000 
_atom_sites.fract_transf_matrix[2][3]   0.000000 
_atom_sites.fract_transf_matrix[3][1]   0.000000 
_atom_sites.fract_transf_matrix[3][2]   0.000000 
_atom_sites.fract_transf_matrix[3][3]   1.000000 
_atom_sites.fract_transf_vector[1]      0.00000 
_atom_sites.fract_transf_vector[2]      0.00000 
_atom_sites.fract_transf_vector[3]      0.00000 
# 
loop_
_atom_type.symbol 
C 
H 
N 
O 
# 
loop_
_atom_site.group_PDB 
_atom_site.id 
_atom_site.type_symbol 
_atom_site.label_atom_id 
_atom_site.label_alt_id 
_atom_site.label_comp_id 
_atom_site.label_asym_id 
_atom_site.label_entity_id 
_atom_site.label_seq_id 
_atom_site.pdbx_PDB_ins_code 
_atom_site.Cartn_x 
_atom_site.Cartn_y 
_atom_site.Cartn_z 
_atom_site.occupancy 
_atom_site.B_iso_or_equiv 
_atom_site.pdbx_formal_charge 
_atom_site.auth_seq_id 
_atom_site.auth_comp_id 
_atom_site.auth_asym_id 
_atom_site.auth_atom_id 
_atom_site.pdbx_PDB_model_num 
HETATM 1   C C    . ACE A 1 1  ? 3.605  -6.016 10.697 1.00 0.00 ? 1  ACE A C    1 
HETATM 2   O O    . ACE A 1 1  ? 4.194  -7.075 10.486 1.00 0.00 ? 1  ACE A O    1 
HETATM 3   C CH3  . ACE A 1 1  ? 3.345  -5.551 12.124 1.00 0.00 ? 1  ACE A CH3  1 
HETATM 4   H H1   . ACE A 1 1  ? 2.272  -5.448 12.287 1.00 0.00 ? 1  ACE A H1   1 
HETATM 5   H H2   . ACE A 1 1  ? 3.745  -6.279 12.830 1.00 0.00 ? 1  ACE A H2   1 
HETATM 6   H H3   . ACE A 1 1  ? 3.830  -4.588 12.290 1.00 0.00 ? 1  ACE A H3   1 
ATOM   7   N N    . ARG A 1 2  ? 3.164  -5.217 9.718  1.00 0.00 ? 2  ARG A N    1 
ATOM   8   C CA   . ARG A 1 2  ? 3.348  -5.500 8.301  1.00 0.00 ? 2  ARG A CA   1 
ATOM   9   C C    . ARG A 1 2  ? 4.785  -5.160 7.875  1.00 0.00 ? 2  ARG A C    1 
ATOM   10  O O    . ARG A 1 2  ? 5.559  -4.624 8.667  1.00 0.00 ? 2  ARG A O    1 
ATOM   11  C CB   . ARG A 1 2  ? 2.325  -4.693 7.484  1.00 0.00 ? 2  ARG A CB   1 
ATOM   12  C CG   . ARG A 1 2  ? 1.771  -5.506 6.304  1.00 0.00 ? 2  ARG A CG   1 
ATOM   13  C CD   . ARG A 1 2  ? 1.323  -4.584 5.165  1.00 0.00 ? 2  ARG A CD   1 
ATOM   14  N NE   . ARG A 1 2  ? 2.477  -3.950 4.512  1.00 0.00 ? 2  ARG A NE   1 
ATOM   15  C CZ   . ARG A 1 2  ? 3.289  -4.546 3.623  1.00 0.00 ? 2  ARG A CZ   1 
ATOM   16  N NH1  . ARG A 1 2  ? 3.092  -5.814 3.239  1.00 0.00 ? 2  ARG A NH1  1 
ATOM   17  N NH2  . ARG A 1 2  ? 4.317  -3.856 3.116  1.00 0.00 ? 2  ARG A NH2  1 
ATOM   18  H H    . ARG A 1 2  ? 2.701  -4.355 9.969  1.00 0.00 ? 2  ARG A H    1 
ATOM   19  H HA   . ARG A 1 2  ? 3.170  -6.565 8.142  1.00 0.00 ? 2  ARG A HA   1 
ATOM   20  H HB2  . ARG A 1 2  ? 1.476  -4.415 8.110  1.00 0.00 ? 2  ARG A HB2  1 
ATOM   21  H HB3  . ARG A 1 2  ? 2.796  -3.773 7.137  1.00 0.00 ? 2  ARG A HB3  1 
ATOM   22  H HG2  . ARG A 1 2  ? 2.517  -6.201 5.923  1.00 0.00 ? 2  ARG A HG2  1 
ATOM   23  H HG3  . ARG A 1 2  ? 0.918  -6.088 6.654  1.00 0.00 ? 2  ARG A HG3  1 
ATOM   24  H HD2  . ARG A 1 2  ? 0.754  -5.161 4.436  1.00 0.00 ? 2  ARG A HD2  1 
ATOM   25  H HD3  . ARG A 1 2  ? 0.670  -3.809 5.566  1.00 0.00 ? 2  ARG A HD3  1 
ATOM   26  H HE   . ARG A 1 2  ? 2.702  -3.005 4.796  1.00 0.00 ? 2  ARG A HE   1 
ATOM   27  H HH11 . ARG A 1 2  ? 2.321  -6.345 3.619  1.00 0.00 ? 2  ARG A HH11 1 
ATOM   28  H HH12 . ARG A 1 2  ? 3.712  -6.244 2.568  1.00 0.00 ? 2  ARG A HH12 1 
ATOM   29  H HH21 . ARG A 1 2  ? 4.519  -2.930 3.471  1.00 0.00 ? 2  ARG A HH21 1 
ATOM   30  H HH22 . ARG A 1 2  ? 4.944  -4.285 2.451  1.00 0.00 ? 2  ARG A HH22 1 
ATOM   31  N N    . ALA A 1 3  ? 5.136  -5.436 6.611  1.00 0.00 ? 3  ALA A N    1 
ATOM   32  C CA   . ALA A 1 3  ? 6.451  -5.136 6.053  1.00 0.00 ? 3  ALA A CA   1 
ATOM   33  C C    . ALA A 1 3  ? 6.530  -3.669 5.613  1.00 0.00 ? 3  ALA A C    1 
ATOM   34  O O    . ALA A 1 3  ? 6.857  -3.372 4.464  1.00 0.00 ? 3  ALA A O    1 
ATOM   35  C CB   . ALA A 1 3  ? 6.741  -6.105 4.901  1.00 0.00 ? 3  ALA A CB   1 
ATOM   36  H H    . ALA A 1 3  ? 4.458  -5.855 5.994  1.00 0.00 ? 3  ALA A H    1 
ATOM   37  H HA   . ALA A 1 3  ? 7.214  -5.304 6.814  1.00 0.00 ? 3  ALA A HA   1 
ATOM   38  H HB1  . ALA A 1 3  ? 6.693  -7.131 5.267  1.00 0.00 ? 3  ALA A HB1  1 
ATOM   39  H HB2  . ALA A 1 3  ? 6.007  -5.978 4.105  1.00 0.00 ? 3  ALA A HB2  1 
ATOM   40  H HB3  . ALA A 1 3  ? 7.739  -5.921 4.503  1.00 0.00 ? 3  ALA A HB3  1 
ATOM   41  N N    . GLY A 1 4  ? 6.233  -2.750 6.539  1.00 0.00 ? 4  GLY A N    1 
ATOM   42  C CA   . GLY A 1 4  ? 6.220  -1.316 6.299  1.00 0.00 ? 4  GLY A CA   1 
ATOM   43  C C    . GLY A 1 4  ? 4.924  -0.863 5.617  1.00 0.00 ? 4  GLY A C    1 
ATOM   44  O O    . GLY A 1 4  ? 4.198  -1.681 5.054  1.00 0.00 ? 4  GLY A O    1 
ATOM   45  H H    . GLY A 1 4  ? 5.992  -3.070 7.467  1.00 0.00 ? 4  GLY A H    1 
ATOM   46  H HA2  . GLY A 1 4  ? 6.317  -0.834 7.271  1.00 0.00 ? 4  GLY A HA2  1 
ATOM   47  H HA3  . GLY A 1 4  ? 7.075  -1.031 5.682  1.00 0.00 ? 4  GLY A HA3  1 
ATOM   48  N N    . PRO A 1 5  ? 4.619  0.445  5.660  1.00 0.00 ? 5  PRO A N    1 
ATOM   49  C CA   . PRO A 1 5  ? 3.423  1.024  5.068  1.00 0.00 ? 5  PRO A CA   1 
ATOM   50  C C    . PRO A 1 5  ? 3.612  1.174  3.554  1.00 0.00 ? 5  PRO A C    1 
ATOM   51  O O    . PRO A 1 5  ? 3.803  2.282  3.057  1.00 0.00 ? 5  PRO A O    1 
ATOM   52  C CB   . PRO A 1 5  ? 3.266  2.374  5.780  1.00 0.00 ? 5  PRO A CB   1 
ATOM   53  C CG   . PRO A 1 5  ? 4.712  2.793  6.044  1.00 0.00 ? 5  PRO A CG   1 
ATOM   54  C CD   . PRO A 1 5  ? 5.391  1.460  6.358  1.00 0.00 ? 5  PRO A CD   1 
ATOM   55  H HA   . PRO A 1 5  ? 2.544  0.404  5.260  1.00 0.00 ? 5  PRO A HA   1 
ATOM   56  H HB2  . PRO A 1 5  ? 2.715  3.117  5.200  1.00 0.00 ? 5  PRO A HB2  1 
ATOM   57  H HB3  . PRO A 1 5  ? 2.772  2.216  6.740  1.00 0.00 ? 5  PRO A HB3  1 
ATOM   58  H HG2  . PRO A 1 5  ? 5.145  3.222  5.140  1.00 0.00 ? 5  PRO A HG2  1 
ATOM   59  H HG3  . PRO A 1 5  ? 4.792  3.502  6.869  1.00 0.00 ? 5  PRO A HG3  1 
ATOM   60  H HD2  . PRO A 1 5  ? 6.431  1.477  6.031  1.00 0.00 ? 5  PRO A HD2  1 
ATOM   61  H HD3  . PRO A 1 5  ? 5.337  1.280  7.433  1.00 0.00 ? 5  PRO A HD3  1 
ATOM   62  N N    . LEU A 1 6  ? 3.568  0.047  2.830  1.00 0.00 ? 6  LEU A N    1 
ATOM   63  C CA   . LEU A 1 6  ? 3.785  -0.006 1.389  1.00 0.00 ? 6  LEU A CA   1 
ATOM   64  C C    . LEU A 1 6  ? 2.599  -0.657 0.683  1.00 0.00 ? 6  LEU A C    1 
ATOM   65  O O    . LEU A 1 6  ? 2.087  -0.096 -0.282 1.00 0.00 ? 6  LEU A O    1 
ATOM   66  C CB   . LEU A 1 6  ? 5.094  -0.749 1.084  1.00 0.00 ? 6  LEU A CB   1 
ATOM   67  C CG   . LEU A 1 6  ? 5.369  -0.908 -0.423 1.00 0.00 ? 6  LEU A CG   1 
ATOM   68  C CD1  . LEU A 1 6  ? 5.565  0.443  -1.122 1.00 0.00 ? 6  LEU A CD1  1 
ATOM   69  C CD2  . LEU A 1 6  ? 6.620  -1.768 -0.623 1.00 0.00 ? 6  LEU A CD2  1 
ATOM   70  H H    . LEU A 1 6  ? 3.436  -0.827 3.321  1.00 0.00 ? 6  LEU A H    1 
ATOM   71  H HA   . LEU A 1 6  ? 3.867  1.008  1.005  1.00 0.00 ? 6  LEU A HA   1 
ATOM   72  H HB2  . LEU A 1 6  ? 5.922  -0.209 1.545  1.00 0.00 ? 6  LEU A HB2  1 
ATOM   73  H HB3  . LEU A 1 6  ? 5.042  -1.741 1.531  1.00 0.00 ? 6  LEU A HB3  1 
ATOM   74  H HG   . LEU A 1 6  ? 4.542  -1.433 -0.902 1.00 0.00 ? 6  LEU A HG   1 
ATOM   75  H HD11 . LEU A 1 6  ? 6.346  1.015  -0.620 1.00 0.00 ? 6  LEU A HD11 1 
ATOM   76  H HD12 . LEU A 1 6  ? 5.854  0.280  -2.160 1.00 0.00 ? 6  LEU A HD12 1 
ATOM   77  H HD13 . LEU A 1 6  ? 4.637  1.016  -1.114 1.00 0.00 ? 6  LEU A HD13 1 
ATOM   78  H HD21 . LEU A 1 6  ? 6.475  -2.742 -0.156 1.00 0.00 ? 6  LEU A HD21 1 
ATOM   79  H HD22 . LEU A 1 6  ? 6.797  -1.914 -1.689 1.00 0.00 ? 6  LEU A HD22 1 
ATOM   80  H HD23 . LEU A 1 6  ? 7.486  -1.277 -0.177 1.00 0.00 ? 6  LEU A HD23 1 
ATOM   81  N N    . GLN A 1 7  ? 2.181  -1.845 1.136  1.00 0.00 ? 7  GLN A N    1 
ATOM   82  C CA   . GLN A 1 7  ? 1.114  -2.603 0.496  1.00 0.00 ? 7  GLN A CA   1 
ATOM   83  C C    . GLN A 1 7  ? -0.165 -1.770 0.402  1.00 0.00 ? 7  GLN A C    1 
ATOM   84  O O    . GLN A 1 7  ? -0.766 -1.679 -0.665 1.00 0.00 ? 7  GLN A O    1 
ATOM   85  C CB   . GLN A 1 7  ? 0.897  -3.914 1.264  1.00 0.00 ? 7  GLN A CB   1 
ATOM   86  C CG   . GLN A 1 7  ? -0.242 -4.779 0.710  1.00 0.00 ? 7  GLN A CG   1 
ATOM   87  C CD   . GLN A 1 7  ? -0.056 -5.115 -0.768 1.00 0.00 ? 7  GLN A CD   1 
ATOM   88  O OE1  . GLN A 1 7  ? 1.048  -5.451 -1.193 1.00 0.00 ? 7  GLN A OE1  1 
ATOM   89  N NE2  . GLN A 1 7  ? -1.138 -5.009 -1.545 1.00 0.00 ? 7  GLN A NE2  1 
ATOM   90  H H    . GLN A 1 7  ? 2.652  -2.265 1.923  1.00 0.00 ? 7  GLN A H    1 
ATOM   91  H HA   . GLN A 1 7  ? 1.442  -2.842 -0.516 1.00 0.00 ? 7  GLN A HA   1 
ATOM   92  H HB2  . GLN A 1 7  ? 1.820  -4.493 1.218  1.00 0.00 ? 7  GLN A HB2  1 
ATOM   93  H HB3  . GLN A 1 7  ? 0.676  -3.688 2.308  1.00 0.00 ? 7  GLN A HB3  1 
ATOM   94  H HG2  . GLN A 1 7  ? -0.278 -5.712 1.273  1.00 0.00 ? 7  GLN A HG2  1 
ATOM   95  H HG3  . GLN A 1 7  ? -1.187 -4.257 0.860  1.00 0.00 ? 7  GLN A HG3  1 
ATOM   96  H HE21 . GLN A 1 7  ? -2.015 -4.742 -1.117 1.00 0.00 ? 7  GLN A HE21 1 
ATOM   97  N N    . TRP A 1 8  ? -0.569 -1.146 1.514  1.00 0.00 ? 8  TRP A N    1 
ATOM   98  C CA   . TRP A 1 8  ? -1.782 -0.348 1.565  1.00 0.00 ? 8  TRP A CA   1 
ATOM   99  C C    . TRP A 1 8  ? -1.658 0.951  0.757  1.00 0.00 ? 8  TRP A C    1 
ATOM   100 O O    . TRP A 1 8  ? -2.651 1.407  0.194  1.00 0.00 ? 8  TRP A O    1 
ATOM   101 C CB   . TRP A 1 8  ? -2.199 -0.118 3.020  1.00 0.00 ? 8  TRP A CB   1 
ATOM   102 C CG   . TRP A 1 8  ? -1.438 0.897  3.811  1.00 0.00 ? 8  TRP A CG   1 
ATOM   103 C CD1  . TRP A 1 8  ? -0.250 0.694  4.419  1.00 0.00 ? 8  TRP A CD1  1 
ATOM   104 C CD2  . TRP A 1 8  ? -1.828 2.263  4.143  1.00 0.00 ? 8  TRP A CD2  1 
ATOM   105 N NE1  . TRP A 1 8  ? 0.093  1.809  5.156  1.00 0.00 ? 8  TRP A NE1  1 
ATOM   106 C CE2  . TRP A 1 8  ? -0.844 2.810  5.017  1.00 0.00 ? 8  TRP A CE2  1 
ATOM   107 C CE3  . TRP A 1 8  ? -2.907 3.101  3.784  1.00 0.00 ? 8  TRP A CE3  1 
ATOM   108 C CZ2  . TRP A 1 8  ? -0.935 4.115  5.525  1.00 0.00 ? 8  TRP A CZ2  1 
ATOM   109 C CZ3  . TRP A 1 8  ? -3.001 4.415  4.280  1.00 0.00 ? 8  TRP A CZ3  1 
ATOM   110 C CH2  . TRP A 1 8  ? -2.023 4.921  5.153  1.00 0.00 ? 8  TRP A CH2  1 
ATOM   111 H H    . TRP A 1 8  ? -0.030 -1.251 2.361  1.00 0.00 ? 8  TRP A H    1 
ATOM   112 H HA   . TRP A 1 8  ? -2.579 -0.943 1.115  1.00 0.00 ? 8  TRP A HA   1 
ATOM   113 H HB2  . TRP A 1 8  ? -3.245 0.189  3.021  1.00 0.00 ? 8  TRP A HB2  1 
ATOM   114 H HB3  . TRP A 1 8  ? -2.132 -1.066 3.555  1.00 0.00 ? 8  TRP A HB3  1 
ATOM   115 H HD1  . TRP A 1 8  ? 0.326  -0.220 4.374  1.00 0.00 ? 8  TRP A HD1  1 
ATOM   116 H HE1  . TRP A 1 8  ? 0.917  1.903  5.729  1.00 0.00 ? 8  TRP A HE1  1 
ATOM   117 H HE3  . TRP A 1 8  ? -3.661 2.734  3.104  1.00 0.00 ? 8  TRP A HE3  1 
ATOM   118 H HZ2  . TRP A 1 8  ? -0.169 4.499  6.184  1.00 0.00 ? 8  TRP A HZ2  1 
ATOM   119 H HZ3  . TRP A 1 8  ? -3.833 5.040  3.987  1.00 0.00 ? 8  TRP A HZ3  1 
ATOM   120 H HH2  . TRP A 1 8  ? -2.104 5.929  5.531  1.00 0.00 ? 8  TRP A HH2  1 
ATOM   121 N N    . LEU A 1 9  ? -0.451 1.526  0.660  1.00 0.00 ? 9  LEU A N    1 
ATOM   122 C CA   . LEU A 1 9  ? -0.185 2.663  -0.218 1.00 0.00 ? 9  LEU A CA   1 
ATOM   123 C C    . LEU A 1 9  ? -0.355 2.248  -1.682 1.00 0.00 ? 9  LEU A C    1 
ATOM   124 O O    . LEU A 1 9  ? -0.962 2.978  -2.458 1.00 0.00 ? 9  LEU A O    1 
ATOM   125 C CB   . LEU A 1 9  ? 1.229  3.229  0.010  1.00 0.00 ? 9  LEU A CB   1 
ATOM   126 C CG   . LEU A 1 9  ? 1.361  4.256  1.146  1.00 0.00 ? 9  LEU A CG   1 
ATOM   127 C CD1  . LEU A 1 9  ? 0.690  5.595  0.809  1.00 0.00 ? 9  LEU A CD1  1 
ATOM   128 C CD2  . LEU A 1 9  ? 0.801  3.723  2.463  1.00 0.00 ? 9  LEU A CD2  1 
ATOM   129 H H    . LEU A 1 9  ? 0.334  1.106  1.138  1.00 0.00 ? 9  LEU A H    1 
ATOM   130 H HA   . LEU A 1 9  ? -0.919 3.441  -0.010 1.00 0.00 ? 9  LEU A HA   1 
ATOM   131 H HB2  . LEU A 1 9  ? 1.919  2.408  0.202  1.00 0.00 ? 9  LEU A HB2  1 
ATOM   132 H HB3  . LEU A 1 9  ? 1.560  3.722  -0.904 1.00 0.00 ? 9  LEU A HB3  1 
ATOM   133 H HG   . LEU A 1 9  ? 2.425  4.447  1.285  1.00 0.00 ? 9  LEU A HG   1 
ATOM   134 H HD11 . LEU A 1 9  ? 1.092  5.986  -0.124 1.00 0.00 ? 9  LEU A HD11 1 
ATOM   135 H HD12 . LEU A 1 9  ? -0.389 5.482  0.712  1.00 0.00 ? 9  LEU A HD12 1 
ATOM   136 H HD13 . LEU A 1 9  ? 0.895  6.312  1.604  1.00 0.00 ? 9  LEU A HD13 1 
ATOM   137 H HD21 . LEU A 1 9  ? 1.206  2.734  2.667  1.00 0.00 ? 9  LEU A HD21 1 
ATOM   138 H HD22 . LEU A 1 9  ? 1.075  4.397  3.275  1.00 0.00 ? 9  LEU A HD22 1 
ATOM   139 H HD23 . LEU A 1 9  ? -0.283 3.670  2.396  1.00 0.00 ? 9  LEU A HD23 1 
ATOM   140 N N    . ALA A 1 10 ? 0.177  1.082  -2.063 1.00 0.00 ? 10 ALA A N    1 
ATOM   141 C CA   . ALA A 1 10 ? 0.080  0.559  -3.417 1.00 0.00 ? 10 ALA A CA   1 
ATOM   142 C C    . ALA A 1 10 ? -1.382 0.309  -3.808 1.00 0.00 ? 10 ALA A C    1 
ATOM   143 O O    . ALA A 1 10 ? -1.796 0.681  -4.905 1.00 0.00 ? 10 ALA A O    1 
ATOM   144 C CB   . ALA A 1 10 ? 0.949  -0.695 -3.541 1.00 0.00 ? 10 ALA A CB   1 
ATOM   145 H H    . ALA A 1 10 ? 0.669  0.524  -1.377 1.00 0.00 ? 10 ALA A H    1 
ATOM   146 H HA   . ALA A 1 10 ? 0.490  1.303  -4.101 1.00 0.00 ? 10 ALA A HA   1 
ATOM   147 H HB1  . ALA A 1 10 ? 0.623  -1.455 -2.834 1.00 0.00 ? 10 ALA A HB1  1 
ATOM   148 H HB2  . ALA A 1 10 ? 0.890  -1.089 -4.554 1.00 0.00 ? 10 ALA A HB2  1 
ATOM   149 H HB3  . ALA A 1 10 ? 1.987  -0.441 -3.322 1.00 0.00 ? 10 ALA A HB3  1 
ATOM   150 N N    . GLU A 1 11 ? -2.175 -0.271 -2.897 1.00 0.00 ? 11 GLU A N    1 
ATOM   151 C CA   . GLU A 1 11 ? -3.619 -0.408 -3.061 1.00 0.00 ? 11 GLU A CA   1 
ATOM   152 C C    . GLU A 1 11 ? -4.276 0.962  -3.243 1.00 0.00 ? 11 GLU A C    1 
ATOM   153 O O    . GLU A 1 11 ? -5.092 1.136  -4.146 1.00 0.00 ? 11 GLU A O    1 
ATOM   154 C CB   . GLU A 1 11 ? -4.230 -1.120 -1.847 1.00 0.00 ? 11 GLU A CB   1 
ATOM   155 C CG   . GLU A 1 11 ? -3.832 -2.600 -1.794 1.00 0.00 ? 11 GLU A CG   1 
ATOM   156 C CD   . GLU A 1 11 ? -4.267 -3.280 -0.498 1.00 0.00 ? 11 GLU A CD   1 
ATOM   157 O OE1  . GLU A 1 11 ? -5.196 -2.755 0.155  1.00 0.00 ? 11 GLU A OE1  1 
ATOM   158 O OE2  . GLU A 1 11 ? -3.660 -4.327 -0.184 1.00 0.00 ? 11 GLU A OE2  1 
ATOM   159 H H    . GLU A 1 11 ? -1.769 -0.575 -2.020 1.00 0.00 ? 11 GLU A H    1 
ATOM   160 H HA   . GLU A 1 11 ? -3.818 -1.008 -3.951 1.00 0.00 ? 11 GLU A HA   1 
ATOM   161 H HB2  . GLU A 1 11 ? -3.910 -0.618 -0.935 1.00 0.00 ? 11 GLU A HB2  1 
ATOM   162 H HB3  . GLU A 1 11 ? -5.318 -1.061 -1.914 1.00 0.00 ? 11 GLU A HB3  1 
ATOM   163 H HG2  . GLU A 1 11 ? -4.278 -3.126 -2.638 1.00 0.00 ? 11 GLU A HG2  1 
ATOM   164 H HG3  . GLU A 1 11 ? -2.752 -2.682 -1.865 1.00 0.00 ? 11 GLU A HG3  1 
ATOM   165 N N    . LYS A 1 12 ? -3.925 1.927  -2.385 1.00 0.00 ? 12 LYS A N    1 
ATOM   166 C CA   . LYS A 1 12 ? -4.454 3.284  -2.418 1.00 0.00 ? 12 LYS A CA   1 
ATOM   167 C C    . LYS A 1 12 ? -4.157 3.972  -3.758 1.00 0.00 ? 12 LYS A C    1 
ATOM   168 O O    . LYS A 1 12 ? -5.005 4.699  -4.270 1.00 0.00 ? 12 LYS A O    1 
ATOM   169 C CB   . LYS A 1 12 ? -3.905 4.074  -1.224 1.00 0.00 ? 12 LYS A CB   1 
ATOM   170 C CG   . LYS A 1 12 ? -4.487 5.488  -1.129 1.00 0.00 ? 12 LYS A CG   1 
ATOM   171 C CD   . LYS A 1 12 ? -3.975 6.171  0.146  1.00 0.00 ? 12 LYS A CD   1 
ATOM   172 C CE   . LYS A 1 12 ? -4.496 7.606  0.275  1.00 0.00 ? 12 LYS A CE   1 
ATOM   173 N NZ   . LYS A 1 12 ? -3.949 8.484  -0.774 1.00 0.00 ? 12 LYS A NZ   1 
ATOM   174 H H    . LYS A 1 12 ? -3.258 1.709  -1.655 1.00 0.00 ? 12 LYS A H    1 
ATOM   175 H HA   . LYS A 1 12 ? -5.537 3.221  -2.297 1.00 0.00 ? 12 LYS A HA   1 
ATOM   176 H HB2  . LYS A 1 12 ? -4.151 3.535  -0.308 1.00 0.00 ? 12 LYS A HB2  1 
ATOM   177 H HB3  . LYS A 1 12 ? -2.822 4.157  -1.300 1.00 0.00 ? 12 LYS A HB3  1 
ATOM   178 H HG2  . LYS A 1 12 ? -4.179 6.064  -2.001 1.00 0.00 ? 12 LYS A HG2  1 
ATOM   179 H HG3  . LYS A 1 12 ? -5.576 5.433  -1.099 1.00 0.00 ? 12 LYS A HG3  1 
ATOM   180 H HD2  . LYS A 1 12 ? -4.313 5.601  1.014  1.00 0.00 ? 12 LYS A HD2  1 
ATOM   181 H HD3  . LYS A 1 12 ? -2.884 6.185  0.143  1.00 0.00 ? 12 LYS A HD3  1 
ATOM   182 H HE2  . LYS A 1 12 ? -5.584 7.610  0.219  1.00 0.00 ? 12 LYS A HE2  1 
ATOM   183 H HE3  . LYS A 1 12 ? -4.193 8.004  1.244  1.00 0.00 ? 12 LYS A HE3  1 
ATOM   184 H HZ1  . LYS A 1 12 ? -2.940 8.482  -0.727 1.00 0.00 ? 12 LYS A HZ1  1 
ATOM   185 H HZ2  . LYS A 1 12 ? -4.243 8.153  -1.683 1.00 0.00 ? 12 LYS A HZ2  1 
ATOM   186 H HZ3  . LYS A 1 12 ? -4.289 9.425  -0.636 1.00 0.00 ? 12 LYS A HZ3  1 
ATOM   187 N N    . TYR A 1 13 ? -2.967 3.741  -4.329 1.00 0.00 ? 13 TYR A N    1 
ATOM   188 C CA   . TYR A 1 13 ? -2.575 4.318  -5.608 1.00 0.00 ? 13 TYR A CA   1 
ATOM   189 C C    . TYR A 1 13 ? -3.409 3.733  -6.747 1.00 0.00 ? 13 TYR A C    1 
ATOM   190 O O    . TYR A 1 13 ? -4.003 4.484  -7.518 1.00 0.00 ? 13 TYR A O    1 
ATOM   191 C CB   . TYR A 1 13 ? -1.078 4.091  -5.872 1.00 0.00 ? 13 TYR A CB   1 
ATOM   192 C CG   . TYR A 1 13 ? -0.090 4.618  -4.843 1.00 0.00 ? 13 TYR A CG   1 
ATOM   193 C CD1  . TYR A 1 13 ? -0.400 5.708  -4.004 1.00 0.00 ? 13 TYR A CD1  1 
ATOM   194 C CD2  . TYR A 1 13 ? 1.189  4.032  -4.772 1.00 0.00 ? 13 TYR A CD2  1 
ATOM   195 C CE1  . TYR A 1 13 ? 0.559  6.198  -3.101 1.00 0.00 ? 13 TYR A CE1  1 
ATOM   196 C CE2  . TYR A 1 13 ? 2.144  4.519  -3.865 1.00 0.00 ? 13 TYR A CE2  1 
ATOM   197 C CZ   . TYR A 1 13 ? 1.834  5.611  -3.038 1.00 0.00 ? 13 TYR A CZ   1 
ATOM   198 O OH   . TYR A 1 13 ? 2.772  6.106  -2.179 1.00 0.00 ? 13 TYR A OH   1 
ATOM   199 H H    . TYR A 1 13 ? -2.298 3.153  -3.850 1.00 0.00 ? 13 TYR A H    1 
ATOM   200 H HA   . TYR A 1 13 ? -2.769 5.390  -5.586 1.00 0.00 ? 13 TYR A HA   1 
ATOM   201 H HB2  . TYR A 1 13 ? -0.911 3.019  -5.976 1.00 0.00 ? 13 TYR A HB2  1 
ATOM   202 H HB3  . TYR A 1 13 ? -0.832 4.559  -6.827 1.00 0.00 ? 13 TYR A HB3  1 
ATOM   203 H HD1  . TYR A 1 13 ? -1.367 6.185  -4.038 1.00 0.00 ? 13 TYR A HD1  1 
ATOM   204 H HD2  . TYR A 1 13 ? 1.445  3.210  -5.425 1.00 0.00 ? 13 TYR A HD2  1 
ATOM   205 H HE1  . TYR A 1 13 ? 0.317  7.034  -2.462 1.00 0.00 ? 13 TYR A HE1  1 
ATOM   206 H HE2  . TYR A 1 13 ? 3.120  4.059  -3.817 1.00 0.00 ? 13 TYR A HE2  1 
ATOM   207 H HH   . TYR A 1 13 ? 3.609  5.638  -2.220 1.00 0.00 ? 13 TYR A HH   1 
ATOM   208 N N    . GLN A 1 14 ? -3.437 2.399  -6.867 1.00 0.00 ? 14 GLN A N    1 
ATOM   209 C CA   . GLN A 1 14 ? -4.130 1.721  -7.955 1.00 0.00 ? 14 GLN A CA   1 
ATOM   210 C C    . GLN A 1 14 ? -5.640 1.965  -7.883 1.00 0.00 ? 14 GLN A C    1 
ATOM   211 O O    . GLN A 1 14 ? -6.238 2.423  -8.853 1.00 0.00 ? 14 GLN A O    1 
ATOM   212 C CB   . GLN A 1 14 ? -3.828 0.218  -7.920 1.00 0.00 ? 14 GLN A CB   1 
ATOM   213 C CG   . GLN A 1 14 ? -2.369 -0.090 -8.280 1.00 0.00 ? 14 GLN A CG   1 
ATOM   214 C CD   . GLN A 1 14 ? -2.155 -1.597 -8.377 1.00 0.00 ? 14 GLN A CD   1 
ATOM   215 O OE1  . GLN A 1 14 ? -1.971 -2.130 -9.469 1.00 0.00 ? 14 GLN A OE1  1 
ATOM   216 N NE2  . GLN A 1 14 ? -2.209 -2.282 -7.230 1.00 0.00 ? 14 GLN A NE2  1 
ATOM   217 H H    . GLN A 1 14 ? -2.932 1.834  -6.197 1.00 0.00 ? 14 GLN A H    1 
ATOM   218 H HA   . GLN A 1 14 ? -3.768 2.120  -8.905 1.00 0.00 ? 14 GLN A HA   1 
ATOM   219 H HB2  . GLN A 1 14 ? -4.058 -0.181 -6.931 1.00 0.00 ? 14 GLN A HB2  1 
ATOM   220 H HB3  . GLN A 1 14 ? -4.469 -0.278 -8.652 1.00 0.00 ? 14 GLN A HB3  1 
ATOM   221 H HG2  . GLN A 1 14 ? -2.137 0.360  -9.247 1.00 0.00 ? 14 GLN A HG2  1 
ATOM   222 H HG3  . GLN A 1 14 ? -1.696 0.327  -7.533 1.00 0.00 ? 14 GLN A HG3  1 
ATOM   223 H HE21 . GLN A 1 14 ? -2.349 -1.774 -6.368 1.00 0.00 ? 14 GLN A HE21 1 
ATOM   224 N N    . GLY A 1 15 ? -6.244 1.639  -6.734 1.00 0.00 ? 15 GLY A N    1 
ATOM   225 C CA   . GLY A 1 15 ? -7.674 1.748  -6.493 1.00 0.00 ? 15 GLY A CA   1 
ATOM   226 C C    . GLY A 1 15 ? -7.967 2.957  -5.612 1.00 0.00 ? 15 GLY A C    1 
ATOM   227 O O    . GLY A 1 15 ? -8.694 3.864  -6.011 1.00 0.00 ? 15 GLY A O    1 
ATOM   228 H H    . GLY A 1 15 ? -5.670 1.312  -5.970 1.00 0.00 ? 15 GLY A H    1 
ATOM   229 H HA2  . GLY A 1 15 ? -8.228 1.830  -7.430 1.00 0.00 ? 15 GLY A HA2  1 
ATOM   230 H HA3  . GLY A 1 15 ? -8.008 0.848  -5.977 1.00 0.00 ? 15 GLY A HA3  1 
HETATM 231 N N    . NH2 A 1 16 ? -7.402 2.969  -4.404 1.00 0.00 ? 16 NH2 A N    1 
HETATM 232 H HN1  . NH2 A 1 16 ? -6.782 2.217  -4.132 1.00 0.00 ? 16 NH2 A HN1  1 
HETATM 233 H HN2  . NH2 A 1 16 ? -7.547 3.758  -3.791 1.00 0.00 ? 16 NH2 A HN2  1 
HETATM 234 C C1   . LNK B 2 .  ? -1.129 -5.202 -2.986 1.00 0.00 ? 17 LNK A C1   1 
HETATM 235 C C2   . LNK B 2 .  ? -0.553 -3.955 -3.670 1.00 0.00 ? 17 LNK A C2   1 
HETATM 236 C C3   . LNK B 2 .  ? -0.620 -4.010 -5.199 1.00 0.00 ? 17 LNK A C3   1 
HETATM 237 C C4   . LNK B 2 .  ? -2.056 -4.190 -5.708 1.00 0.00 ? 17 LNK A C4   1 
HETATM 238 C C5   . LNK B 2 .  ? -2.182 -3.735 -7.164 1.00 0.00 ? 17 LNK A C5   1 
HETATM 239 H H11  . LNK B 2 .  ? -0.539 -6.080 -3.251 1.00 0.00 ? 17 LNK A H11  1 
HETATM 240 H H12  . LNK B 2 .  ? -2.160 -5.360 -3.302 1.00 0.00 ? 17 LNK A H12  1 
HETATM 241 H H21  . LNK B 2 .  ? -1.103 -3.076 -3.340 1.00 0.00 ? 17 LNK A H21  1 
HETATM 242 H H22  . LNK B 2 .  ? 0.491  -3.841 -3.378 1.00 0.00 ? 17 LNK A H22  1 
HETATM 243 H H31  . LNK B 2 .  ? -0.215 -3.072 -5.579 1.00 0.00 ? 17 LNK A H31  1 
HETATM 244 H H32  . LNK B 2 .  ? 0.001  -4.828 -5.569 1.00 0.00 ? 17 LNK A H32  1 
HETATM 245 H H41  . LNK B 2 .  ? -2.321 -5.246 -5.646 1.00 0.00 ? 17 LNK A H41  1 
HETATM 246 H H42  . LNK B 2 .  ? -2.752 -3.616 -5.095 1.00 0.00 ? 17 LNK A H42  1 
HETATM 247 H H51  . LNK B 2 .  ? -1.352 -4.132 -7.751 1.00 0.00 ? 17 LNK A H51  1 
HETATM 248 H H52  . LNK B 2 .  ? -3.118 -4.116 -7.572 1.00 0.00 ? 17 LNK A H52  1 
# 
